data_5WAV
#
_entry.id   5WAV
#
_cell.length_a   49.532
_cell.length_b   79.977
_cell.length_c   139.658
_cell.angle_alpha   90.00
_cell.angle_beta   90.00
_cell.angle_gamma   90.00
#
_symmetry.space_group_name_H-M   'P 21 21 21'
#
loop_
_entity.id
_entity.type
_entity.pdbx_description
1 polymer 'Immunoglobulin gamma-1 heavy chain,Immunoglobulin gamma-1 heavy chain'
2 branched 2-acetamido-2-deoxy-beta-D-glucopyranose-(1-2)-alpha-D-mannopyranose-(1-3)-[2-acetamido-2-deoxy-beta-D-glucopyranose-(1-2)-alpha-D-mannopyranose-(1-6)]alpha-D-mannopyranose-(1-4)-2-acetamido-2-deoxy-beta-D-glucopyranose-(1-4)-[alpha-L-fucopyranose-(1-6)]2-acetamido-2-deoxy-beta-D-glucopyranose
3 non-polymer GLYCEROL
4 water water
#
_entity_poly.entity_id   1
_entity_poly.type   'polypeptide(L)'
_entity_poly.pdbx_seq_one_letter_code
;CPPCPAPELAAPSVFLFPPKPKDTLMISRTPEVTCVVVDVSHEDPEVKFNWYVDGVEVHNAKTKPREEQYNSTYRVVSVL
TVLHQDWLNGKEYKCKVSNKALPAPIEKTISKAKGQPREPQVYTLPPSRDELTKNQVSLTCLVKGFYPSDIAVEWESNGQ
PENNYKTTPPVLDSDGSFFLYSKLTVDKSRWQQGNVFSCSVMHEALHNHYTQKSLSLSPG
;
_entity_poly.pdbx_strand_id   A,B
#
# COMPACT_ATOMS: atom_id res chain seq x y z
N ALA A 11 11.02 19.58 -20.52
CA ALA A 11 11.75 20.25 -19.37
C ALA A 11 12.02 19.25 -18.24
N PRO A 12 13.14 19.42 -17.52
CA PRO A 12 13.56 18.44 -16.53
C PRO A 12 12.64 18.29 -15.30
N SER A 13 12.67 17.10 -14.73
CA SER A 13 11.89 16.72 -13.55
C SER A 13 12.83 16.24 -12.45
N VAL A 14 12.42 16.43 -11.19
CA VAL A 14 13.24 16.07 -10.03
C VAL A 14 12.55 15.17 -9.00
N PHE A 15 13.27 14.13 -8.57
CA PHE A 15 12.76 13.18 -7.56
C PHE A 15 13.72 13.04 -6.39
N LEU A 16 13.20 13.34 -5.19
CA LEU A 16 14.00 13.26 -3.95
C LEU A 16 13.63 12.00 -3.15
N PHE A 17 14.64 11.17 -2.86
CA PHE A 17 14.44 9.85 -2.23
C PHE A 17 15.03 9.80 -0.81
N PRO A 18 14.26 9.28 0.15
CA PRO A 18 14.76 9.30 1.54
C PRO A 18 15.72 8.11 1.77
N PRO A 19 16.35 8.05 2.94
CA PRO A 19 17.14 6.87 3.25
C PRO A 19 16.24 5.69 3.54
N LYS A 20 16.83 4.50 3.50
CA LYS A 20 16.12 3.30 3.94
C LYS A 20 15.96 3.32 5.45
N PRO A 21 14.83 2.90 5.98
CA PRO A 21 14.67 2.80 7.44
C PRO A 21 15.82 2.11 8.19
N LYS A 22 16.31 1.03 7.62
CA LYS A 22 17.40 0.26 8.27
C LYS A 22 18.67 1.09 8.42
N ASP A 23 18.94 1.89 7.40
CA ASP A 23 20.09 2.76 7.33
C ASP A 23 20.20 3.79 8.40
N THR A 24 19.05 4.35 8.78
CA THR A 24 19.01 5.39 9.81
C THR A 24 19.02 4.83 11.22
N LEU A 25 18.70 3.57 11.38
CA LEU A 25 18.59 2.95 12.69
C LEU A 25 19.86 2.26 13.17
N MET A 26 20.80 2.03 12.28
CA MET A 26 22.04 1.33 12.63
C MET A 26 23.25 2.19 12.30
N ILE A 27 24.05 2.41 13.33
CA ILE A 27 25.19 3.31 13.27
C ILE A 27 26.20 2.89 12.20
N SER A 28 26.35 1.58 12.06
CA SER A 28 27.22 0.96 11.05
C SER A 28 26.83 1.26 9.60
N ARG A 29 25.53 1.42 9.33
CA ARG A 29 25.06 1.67 7.97
C ARG A 29 25.20 3.14 7.64
N THR A 30 25.06 3.45 6.35
CA THR A 30 25.23 4.83 5.88
C THR A 30 23.96 5.35 5.23
N PRO A 31 23.21 6.20 5.96
CA PRO A 31 21.96 6.73 5.38
C PRO A 31 22.25 7.87 4.43
N GLU A 32 21.55 7.86 3.31
CA GLU A 32 21.73 8.86 2.27
C GLU A 32 20.40 9.37 1.74
N VAL A 33 20.38 10.63 1.37
CA VAL A 33 19.27 11.21 0.63
C VAL A 33 19.73 11.37 -0.82
N THR A 34 18.90 10.96 -1.76
CA THR A 34 19.24 10.99 -3.17
C THR A 34 18.31 11.86 -4.02
N CYS A 35 18.91 12.79 -4.76
CA CYS A 35 18.19 13.73 -5.61
C CYS A 35 18.42 13.37 -7.09
N VAL A 36 17.50 12.60 -7.67
CA VAL A 36 17.65 12.24 -9.08
C VAL A 36 16.98 13.25 -9.98
N VAL A 37 17.66 13.65 -11.04
CA VAL A 37 17.08 14.53 -12.06
C VAL A 37 17.01 13.82 -13.41
N VAL A 38 15.79 13.77 -13.95
CA VAL A 38 15.54 13.16 -15.28
C VAL A 38 15.12 14.20 -16.31
N ASP A 39 15.16 13.79 -17.58
CA ASP A 39 14.71 14.59 -18.73
C ASP A 39 15.51 15.88 -18.92
N VAL A 40 16.83 15.75 -18.74
CA VAL A 40 17.73 16.86 -19.02
C VAL A 40 18.16 16.73 -20.47
N SER A 41 18.03 17.81 -21.23
CA SER A 41 18.23 17.80 -22.68
C SER A 41 19.69 18.04 -23.10
N HIS A 42 19.95 17.73 -24.37
CA HIS A 42 21.25 17.95 -25.01
C HIS A 42 21.53 19.44 -25.14
N GLU A 43 20.50 20.20 -25.45
CA GLU A 43 20.59 21.66 -25.70
C GLU A 43 21.10 22.43 -24.48
N ASP A 44 20.61 22.07 -23.31
CA ASP A 44 21.04 22.65 -22.03
C ASP A 44 21.33 21.53 -21.03
N PRO A 45 22.45 20.81 -21.19
CA PRO A 45 22.72 19.65 -20.36
C PRO A 45 23.32 19.90 -18.97
N GLU A 46 23.73 21.13 -18.67
CA GLU A 46 24.37 21.39 -17.39
C GLU A 46 23.32 21.37 -16.28
N VAL A 47 23.64 20.66 -15.19
CA VAL A 47 22.85 20.70 -13.98
C VAL A 47 23.71 21.15 -12.81
N LYS A 48 23.21 22.14 -12.09
CA LYS A 48 23.78 22.53 -10.79
C LYS A 48 22.90 22.02 -9.65
N PHE A 49 23.53 21.47 -8.61
CA PHE A 49 22.81 21.10 -7.39
C PHE A 49 23.23 22.02 -6.22
N ASN A 50 22.22 22.44 -5.45
CA ASN A 50 22.45 23.09 -4.15
C ASN A 50 21.66 22.31 -3.08
N TRP A 51 22.34 22.07 -1.95
CA TRP A 51 21.75 21.34 -0.83
C TRP A 51 21.64 22.19 0.43
N TYR A 52 20.52 22.05 1.14
CA TYR A 52 20.30 22.74 2.39
C TYR A 52 19.74 21.79 3.45
N VAL A 53 20.20 21.98 4.68
CA VAL A 53 19.75 21.23 5.83
C VAL A 53 19.12 22.22 6.80
N ASP A 54 17.80 22.11 6.96
CA ASP A 54 17.02 23.06 7.74
C ASP A 54 17.25 24.48 7.21
N GLY A 55 17.26 24.61 5.89
CA GLY A 55 17.45 25.90 5.24
C GLY A 55 18.89 26.40 5.14
N VAL A 56 19.84 25.67 5.73
CA VAL A 56 21.24 26.07 5.73
C VAL A 56 21.99 25.27 4.68
N GLU A 57 22.71 25.98 3.83
CA GLU A 57 23.48 25.33 2.77
C GLU A 57 24.55 24.42 3.33
N VAL A 58 24.72 23.26 2.71
CA VAL A 58 25.83 22.34 2.97
C VAL A 58 26.56 21.99 1.68
N HIS A 59 27.80 21.53 1.80
CA HIS A 59 28.72 21.43 0.66
C HIS A 59 29.26 20.01 0.46
N ASN A 60 28.86 19.07 1.29
CA ASN A 60 29.45 17.72 1.33
C ASN A 60 28.79 16.68 0.40
N ALA A 61 27.84 17.09 -0.41
CA ALA A 61 27.19 16.17 -1.34
C ALA A 61 28.10 15.72 -2.50
N LYS A 62 28.00 14.45 -2.87
CA LYS A 62 28.76 13.83 -3.95
C LYS A 62 27.87 13.62 -5.18
N THR A 63 28.10 14.46 -6.17
CA THR A 63 27.28 14.48 -7.38
C THR A 63 27.91 13.65 -8.51
N LYS A 64 27.17 12.65 -8.96
CA LYS A 64 27.64 11.71 -9.96
C LYS A 64 27.71 12.38 -11.35
N PRO A 65 28.70 11.96 -12.16
CA PRO A 65 28.70 12.46 -13.52
C PRO A 65 27.48 11.91 -14.31
N ARG A 66 26.97 12.75 -15.18
CA ARG A 66 25.69 12.51 -15.82
C ARG A 66 25.74 11.35 -16.77
N GLU A 67 24.70 10.51 -16.75
CA GLU A 67 24.60 9.35 -17.64
C GLU A 67 23.54 9.52 -18.73
N GLU A 68 23.94 9.48 -20.01
CA GLU A 68 22.99 9.54 -21.10
C GLU A 68 22.13 8.27 -21.12
N GLN A 69 20.86 8.46 -21.50
CA GLN A 69 19.84 7.44 -21.48
C GLN A 69 19.40 7.11 -22.93
N TYR A 70 18.62 6.03 -23.07
CA TYR A 70 18.20 5.55 -24.37
C TYR A 70 17.20 6.44 -25.07
N ASN A 71 16.45 7.25 -24.34
CA ASN A 71 15.57 8.24 -24.97
C ASN A 71 16.26 9.61 -25.17
N SER A 72 17.59 9.60 -25.26
CA SER A 72 18.35 10.78 -25.61
C SER A 72 18.07 11.98 -24.69
N THR A 73 17.70 11.68 -23.45
CA THR A 73 17.70 12.66 -22.34
C THR A 73 18.76 12.26 -21.32
N TYR A 74 19.29 13.22 -20.58
CA TYR A 74 20.31 12.96 -19.57
C TYR A 74 19.72 12.75 -18.18
N ARG A 75 20.32 11.85 -17.43
CA ARG A 75 19.93 11.56 -16.09
C ARG A 75 21.15 11.90 -15.22
N VAL A 76 20.91 12.73 -14.21
CA VAL A 76 21.96 13.11 -13.30
C VAL A 76 21.47 12.91 -11.85
N VAL A 77 22.34 12.32 -11.04
CA VAL A 77 22.07 12.00 -9.64
C VAL A 77 23.03 12.73 -8.69
N SER A 78 22.47 13.16 -7.55
CA SER A 78 23.32 13.70 -6.48
C SER A 78 22.98 13.00 -5.19
N VAL A 79 24.02 12.66 -4.41
CA VAL A 79 23.85 11.92 -3.17
C VAL A 79 24.44 12.67 -1.97
N LEU A 80 23.57 12.97 -1.01
CA LEU A 80 24.01 13.57 0.25
C LEU A 80 23.96 12.57 1.38
N THR A 81 25.12 12.36 2.01
CA THR A 81 25.23 11.51 3.17
C THR A 81 24.66 12.29 4.36
N VAL A 82 24.01 11.55 5.25
CA VAL A 82 23.18 12.13 6.29
C VAL A 82 23.57 11.53 7.64
N LEU A 83 23.59 12.39 8.65
CA LEU A 83 23.85 11.93 10.01
C LEU A 83 22.59 11.25 10.52
N HIS A 84 22.78 10.14 11.19
CA HIS A 84 21.70 9.31 11.74
C HIS A 84 20.80 10.13 12.62
N GLN A 85 21.39 10.87 13.53
CA GLN A 85 20.61 11.62 14.54
C GLN A 85 19.93 12.84 13.95
N ASP A 86 20.57 13.49 12.99
CA ASP A 86 19.94 14.58 12.25
C ASP A 86 18.60 14.14 11.64
N TRP A 87 18.59 12.97 10.99
CA TRP A 87 17.40 12.48 10.35
C TRP A 87 16.34 12.12 11.40
N LEU A 88 16.77 11.45 12.46
CA LEU A 88 15.87 11.10 13.55
C LEU A 88 15.40 12.30 14.34
N ASN A 89 16.16 13.39 14.33
CA ASN A 89 15.74 14.64 14.99
C ASN A 89 14.90 15.56 14.08
N GLY A 90 14.49 15.06 12.92
CA GLY A 90 13.52 15.75 12.09
C GLY A 90 14.05 16.79 11.12
N LYS A 91 15.36 16.86 10.88
CA LYS A 91 15.93 17.85 9.97
C LYS A 91 15.32 17.76 8.56
N GLU A 92 15.10 18.91 7.93
CA GLU A 92 14.59 18.96 6.56
C GLU A 92 15.75 19.03 5.58
N TYR A 93 15.69 18.19 4.55
CA TYR A 93 16.73 18.10 3.55
C TYR A 93 16.20 18.55 2.21
N LYS A 94 16.76 19.67 1.73
CA LYS A 94 16.31 20.29 0.51
C LYS A 94 17.33 20.16 -0.62
N CYS A 95 16.82 19.73 -1.78
CA CYS A 95 17.58 19.68 -3.02
C CYS A 95 17.07 20.77 -3.97
N LYS A 96 17.96 21.68 -4.36
CA LYS A 96 17.67 22.75 -5.31
C LYS A 96 18.44 22.42 -6.59
N VAL A 97 17.66 22.35 -7.66
CA VAL A 97 18.17 21.93 -8.98
C VAL A 97 18.00 23.03 -10.00
N SER A 98 19.12 23.37 -10.65
CA SER A 98 19.15 24.47 -11.64
C SER A 98 19.51 23.99 -13.03
N ASN A 99 18.78 24.48 -14.02
CA ASN A 99 19.01 24.12 -15.43
C ASN A 99 18.57 25.29 -16.30
N LYS A 100 19.36 25.57 -17.35
CA LYS A 100 19.05 26.71 -18.24
C LYS A 100 17.78 26.52 -19.06
N ALA A 101 17.21 25.33 -19.08
CA ALA A 101 15.91 25.07 -19.67
C ALA A 101 14.72 25.39 -18.75
N LEU A 102 15.03 25.61 -17.47
CA LEU A 102 14.02 25.85 -16.45
C LEU A 102 13.83 27.35 -16.16
N PRO A 103 12.55 27.82 -16.18
CA PRO A 103 12.32 29.24 -15.89
C PRO A 103 12.76 29.60 -14.48
N ALA A 104 12.55 28.67 -13.54
CA ALA A 104 13.09 28.82 -12.21
C ALA A 104 13.70 27.49 -11.76
N PRO A 105 14.67 27.54 -10.82
CA PRO A 105 15.18 26.29 -10.30
C PRO A 105 14.18 25.49 -9.48
N ILE A 106 14.03 24.21 -9.79
CA ILE A 106 13.13 23.32 -9.05
C ILE A 106 13.67 23.04 -7.68
N GLU A 107 12.77 22.94 -6.71
CA GLU A 107 13.13 22.62 -5.33
C GLU A 107 12.27 21.48 -4.82
N LYS A 108 12.91 20.52 -4.13
CA LYS A 108 12.22 19.49 -3.40
C LYS A 108 12.76 19.42 -1.98
N THR A 109 11.87 19.04 -1.07
CA THR A 109 12.27 18.85 0.33
C THR A 109 11.78 17.52 0.80
N ILE A 110 12.51 16.93 1.74
CA ILE A 110 12.12 15.66 2.33
C ILE A 110 12.57 15.64 3.78
N SER A 111 11.83 14.86 4.57
CA SER A 111 12.20 14.67 5.96
C SER A 111 11.49 13.48 6.53
N LYS A 112 11.85 13.14 7.75
CA LYS A 112 11.09 12.15 8.51
C LYS A 112 9.71 12.71 8.77
N ALA A 113 8.71 11.83 8.69
CA ALA A 113 7.32 12.24 8.91
C ALA A 113 7.19 12.84 10.34
N LYS A 114 6.48 13.95 10.44
CA LYS A 114 6.34 14.67 11.68
C LYS A 114 5.33 14.03 12.63
N GLY A 115 5.60 14.12 13.93
CA GLY A 115 4.76 13.53 14.95
C GLY A 115 5.56 12.78 16.00
N GLN A 116 4.94 12.55 17.14
CA GLN A 116 5.61 11.88 18.27
C GLN A 116 5.81 10.41 17.93
N PRO A 117 7.06 9.93 17.98
CA PRO A 117 7.30 8.53 17.76
C PRO A 117 6.64 7.62 18.76
N ARG A 118 6.09 6.52 18.26
CA ARG A 118 5.39 5.55 19.08
C ARG A 118 5.99 4.17 18.89
N GLU A 119 6.05 3.44 20.01
CA GLU A 119 6.69 2.14 20.07
C GLU A 119 5.83 1.02 19.48
N PRO A 120 6.41 0.19 18.60
CA PRO A 120 5.70 -0.97 18.09
C PRO A 120 5.41 -2.01 19.15
N GLN A 121 4.15 -2.46 19.17
CA GLN A 121 3.77 -3.66 19.87
C GLN A 121 3.90 -4.80 18.87
N VAL A 122 4.72 -5.80 19.21
CA VAL A 122 4.95 -6.94 18.34
C VAL A 122 4.37 -8.21 18.94
N TYR A 123 3.44 -8.83 18.21
CA TYR A 123 2.77 -10.07 18.63
C TYR A 123 2.87 -11.12 17.54
N THR A 124 3.31 -12.30 17.93
CA THR A 124 3.37 -13.43 17.03
C THR A 124 2.11 -14.27 17.17
N LEU A 125 1.55 -14.66 16.01
CA LEU A 125 0.34 -15.50 15.97
C LEU A 125 0.61 -16.81 15.25
N PRO A 126 0.29 -17.94 15.92
CA PRO A 126 0.44 -19.26 15.28
C PRO A 126 -0.63 -19.47 14.21
N PRO A 127 -0.45 -20.48 13.34
CA PRO A 127 -1.48 -20.72 12.35
C PRO A 127 -2.81 -21.17 12.93
N SER A 128 -3.85 -21.00 12.12
CA SER A 128 -5.17 -21.52 12.45
C SER A 128 -5.16 -23.03 12.41
N ARG A 129 -5.99 -23.64 13.25
CA ARG A 129 -6.17 -25.11 13.27
C ARG A 129 -6.47 -25.64 11.86
N ASP A 130 -7.35 -24.92 11.16
CA ASP A 130 -7.83 -25.31 9.83
C ASP A 130 -6.74 -25.38 8.79
N GLU A 131 -5.70 -24.57 8.94
CA GLU A 131 -4.58 -24.55 7.97
C GLU A 131 -3.71 -25.79 8.07
N LEU A 132 -3.85 -26.53 9.16
CA LEU A 132 -3.03 -27.73 9.40
C LEU A 132 -3.33 -28.85 8.38
N THR A 133 -4.51 -28.81 7.74
CA THR A 133 -4.82 -29.73 6.64
C THR A 133 -3.83 -29.62 5.48
N LYS A 134 -3.14 -28.49 5.33
CA LYS A 134 -2.30 -28.23 4.16
C LYS A 134 -0.86 -28.68 4.40
N ASN A 135 -0.09 -28.67 3.32
CA ASN A 135 1.33 -29.06 3.32
C ASN A 135 2.21 -28.02 3.97
N GLN A 136 1.82 -26.76 3.83
CA GLN A 136 2.54 -25.63 4.41
C GLN A 136 1.64 -24.80 5.30
N VAL A 137 2.27 -24.06 6.21
CA VAL A 137 1.56 -23.26 7.21
C VAL A 137 2.07 -21.83 7.31
N SER A 138 1.20 -20.98 7.86
CA SER A 138 1.44 -19.54 7.89
C SER A 138 1.73 -19.07 9.32
N LEU A 139 2.92 -18.53 9.50
CA LEU A 139 3.30 -17.90 10.77
C LEU A 139 3.16 -16.40 10.63
N THR A 140 2.34 -15.83 11.52
CA THR A 140 1.98 -14.43 11.45
C THR A 140 2.63 -13.57 12.54
N CYS A 141 3.16 -12.43 12.11
CA CYS A 141 3.72 -11.43 13.00
C CYS A 141 2.95 -10.13 12.86
N LEU A 142 2.15 -9.83 13.88
CA LEU A 142 1.44 -8.56 13.97
C LEU A 142 2.29 -7.51 14.65
N VAL A 143 2.51 -6.41 13.93
CA VAL A 143 3.24 -5.24 14.44
C VAL A 143 2.32 -4.02 14.42
N LYS A 144 2.03 -3.48 15.59
CA LYS A 144 0.99 -2.48 15.74
C LYS A 144 1.37 -1.27 16.58
N GLY A 145 0.61 -0.20 16.41
CA GLY A 145 0.78 0.98 17.23
C GLY A 145 2.05 1.79 17.06
N PHE A 146 2.71 1.63 15.92
CA PHE A 146 3.97 2.33 15.70
C PHE A 146 3.83 3.63 14.91
N TYR A 147 4.74 4.57 15.20
CA TYR A 147 4.87 5.85 14.48
C TYR A 147 6.31 6.38 14.50
N PRO A 148 6.82 6.91 13.40
CA PRO A 148 6.24 6.90 12.07
C PRO A 148 6.31 5.52 11.39
N SER A 149 5.92 5.47 10.12
CA SER A 149 5.68 4.22 9.42
C SER A 149 6.96 3.54 8.95
N ASP A 150 8.05 4.26 8.99
CA ASP A 150 9.34 3.71 8.61
C ASP A 150 9.72 2.58 9.53
N ILE A 151 9.93 1.40 8.94
CA ILE A 151 10.10 0.19 9.73
C ILE A 151 10.68 -0.92 8.87
N ALA A 152 11.34 -1.86 9.53
CA ALA A 152 11.87 -3.05 8.87
C ALA A 152 11.49 -4.30 9.64
N VAL A 153 11.09 -5.35 8.92
CA VAL A 153 10.66 -6.59 9.53
C VAL A 153 11.33 -7.79 8.88
N GLU A 154 11.78 -8.71 9.73
CA GLU A 154 12.50 -9.91 9.28
C GLU A 154 12.15 -11.14 10.12
N TRP A 155 12.39 -12.30 9.52
CA TRP A 155 12.15 -13.58 10.16
C TRP A 155 13.43 -14.41 10.19
N GLU A 156 13.61 -15.17 11.25
CA GLU A 156 14.71 -16.10 11.31
C GLU A 156 14.41 -17.34 12.16
N SER A 157 15.18 -18.39 11.92
CA SER A 157 15.14 -19.57 12.79
C SER A 157 16.50 -20.15 13.10
N ASN A 158 16.70 -20.51 14.37
CA ASN A 158 17.99 -21.08 14.85
C ASN A 158 19.15 -20.19 14.44
N GLY A 159 18.98 -18.90 14.69
CA GLY A 159 19.96 -17.89 14.31
C GLY A 159 20.14 -17.64 12.83
N GLN A 160 19.47 -18.40 11.96
CA GLN A 160 19.62 -18.25 10.52
C GLN A 160 18.35 -17.71 9.83
N PRO A 161 18.53 -16.95 8.73
CA PRO A 161 17.38 -16.22 8.17
C PRO A 161 16.39 -17.08 7.38
N GLU A 162 15.10 -16.87 7.65
CA GLU A 162 14.01 -17.48 6.90
C GLU A 162 13.61 -16.59 5.77
N ASN A 163 13.68 -17.09 4.54
CA ASN A 163 13.52 -16.25 3.33
C ASN A 163 12.13 -16.27 2.69
N ASN A 164 11.28 -17.26 3.02
CA ASN A 164 9.95 -17.38 2.40
C ASN A 164 8.84 -16.61 3.15
N TYR A 165 8.96 -15.28 3.13
CA TYR A 165 8.02 -14.43 3.85
C TYR A 165 7.69 -13.18 3.08
N LYS A 166 6.51 -12.64 3.38
CA LYS A 166 6.07 -11.38 2.82
C LYS A 166 5.50 -10.53 3.92
N THR A 167 5.67 -9.22 3.75
CA THR A 167 5.18 -8.26 4.73
C THR A 167 4.28 -7.24 4.05
N THR A 168 3.14 -6.98 4.68
CA THR A 168 2.22 -5.98 4.15
C THR A 168 2.84 -4.60 4.32
N PRO A 169 2.46 -3.64 3.48
CA PRO A 169 2.85 -2.25 3.78
C PRO A 169 2.29 -1.79 5.12
N PRO A 170 2.80 -0.69 5.65
CA PRO A 170 2.16 -0.13 6.83
C PRO A 170 0.79 0.43 6.49
N VAL A 171 -0.13 0.35 7.45
CA VAL A 171 -1.49 0.82 7.30
C VAL A 171 -1.86 1.75 8.44
N LEU A 172 -2.46 2.88 8.08
CA LEU A 172 -2.88 3.89 9.04
C LEU A 172 -4.06 3.36 9.84
N ASP A 173 -3.86 3.25 11.14
CA ASP A 173 -4.90 2.77 12.05
C ASP A 173 -5.78 3.94 12.48
N SER A 174 -6.86 3.63 13.17
CA SER A 174 -7.84 4.68 13.58
C SER A 174 -7.32 5.67 14.61
N ASP A 175 -6.37 5.25 15.45
CA ASP A 175 -5.72 6.18 16.40
C ASP A 175 -4.57 7.06 15.81
N GLY A 176 -4.35 7.02 14.50
CA GLY A 176 -3.24 7.80 13.92
C GLY A 176 -1.89 7.08 13.91
N SER A 177 -1.81 5.93 14.58
CA SER A 177 -0.66 5.08 14.54
C SER A 177 -0.74 4.13 13.34
N PHE A 178 0.32 3.36 13.12
CA PHE A 178 0.39 2.42 12.02
C PHE A 178 0.44 0.99 12.51
N PHE A 179 -0.05 0.08 11.66
CA PHE A 179 0.18 -1.34 11.87
C PHE A 179 0.54 -2.05 10.58
N LEU A 180 1.01 -3.27 10.73
CA LEU A 180 1.26 -4.15 9.60
C LEU A 180 1.26 -5.58 10.04
N TYR A 181 1.25 -6.48 9.06
CA TYR A 181 1.39 -7.91 9.32
C TYR A 181 2.52 -8.44 8.44
N SER A 182 3.30 -9.37 9.00
CA SER A 182 4.26 -10.13 8.22
C SER A 182 3.90 -11.61 8.28
N LYS A 183 4.04 -12.29 7.16
CA LYS A 183 3.59 -13.67 6.99
C LYS A 183 4.73 -14.54 6.55
N LEU A 184 5.10 -15.49 7.42
CA LEU A 184 6.16 -16.45 7.09
C LEU A 184 5.53 -17.81 6.76
N THR A 185 5.89 -18.35 5.62
CA THR A 185 5.37 -19.63 5.20
C THR A 185 6.43 -20.71 5.35
N VAL A 186 6.12 -21.71 6.18
CA VAL A 186 7.01 -22.85 6.40
C VAL A 186 6.33 -24.19 6.15
N ASP A 187 7.14 -25.19 5.79
CA ASP A 187 6.67 -26.57 5.68
C ASP A 187 6.06 -27.02 7.00
N LYS A 188 4.86 -27.59 6.92
CA LYS A 188 4.08 -27.97 8.09
C LYS A 188 4.89 -28.80 9.06
N SER A 189 5.64 -29.74 8.49
CA SER A 189 6.53 -30.61 9.27
C SER A 189 7.38 -29.82 10.27
N ARG A 190 8.03 -28.77 9.79
CA ARG A 190 8.94 -27.94 10.60
C ARG A 190 8.20 -27.35 11.80
N TRP A 191 7.01 -26.85 11.57
CA TRP A 191 6.17 -26.32 12.65
C TRP A 191 5.86 -27.41 13.66
N GLN A 192 5.56 -28.61 13.15
CA GLN A 192 5.17 -29.75 13.98
C GLN A 192 6.30 -30.19 14.90
N GLN A 193 7.49 -30.34 14.30
CA GLN A 193 8.72 -30.73 15.02
C GLN A 193 9.06 -29.87 16.23
N GLY A 194 8.55 -28.63 16.25
CA GLY A 194 8.67 -27.73 17.40
C GLY A 194 9.79 -26.72 17.26
N ASN A 195 10.33 -26.55 16.05
CA ASN A 195 11.33 -25.52 15.76
C ASN A 195 10.83 -24.15 16.23
N VAL A 196 11.78 -23.32 16.63
CA VAL A 196 11.47 -21.99 17.10
C VAL A 196 11.69 -21.00 15.96
N PHE A 197 10.71 -20.13 15.78
CA PHE A 197 10.74 -19.11 14.72
C PHE A 197 10.62 -17.74 15.35
N SER A 198 11.36 -16.79 14.79
CA SER A 198 11.43 -15.46 15.40
C SER A 198 11.21 -14.34 14.40
N CYS A 199 10.37 -13.40 14.81
CA CYS A 199 10.05 -12.21 14.05
C CYS A 199 10.88 -11.03 14.61
N SER A 200 11.82 -10.56 13.80
CA SER A 200 12.64 -9.38 14.13
C SER A 200 12.06 -8.08 13.59
N VAL A 201 12.02 -7.06 14.45
CA VAL A 201 11.50 -5.74 14.10
C VAL A 201 12.45 -4.60 14.45
N MET A 202 12.71 -3.73 13.47
CA MET A 202 13.55 -2.54 13.65
C MET A 202 12.78 -1.23 13.51
N HIS A 203 12.87 -0.38 14.51
CA HIS A 203 12.15 0.89 14.55
C HIS A 203 12.77 1.89 15.52
N GLU A 204 12.62 3.20 15.23
CA GLU A 204 13.30 4.22 16.04
C GLU A 204 12.86 4.25 17.50
N ALA A 205 11.58 3.97 17.73
CA ALA A 205 10.99 4.01 19.09
C ALA A 205 11.23 2.75 19.93
N LEU A 206 12.01 1.81 19.41
CA LEU A 206 12.42 0.63 20.16
C LEU A 206 13.80 0.82 20.85
N HIS A 207 13.95 0.21 22.01
CA HIS A 207 15.20 0.22 22.73
C HIS A 207 16.25 -0.52 21.89
N ASN A 208 17.39 0.15 21.66
CA ASN A 208 18.40 -0.30 20.72
C ASN A 208 17.88 -0.46 19.29
N HIS A 209 16.78 0.23 18.99
CA HIS A 209 16.16 0.22 17.66
C HIS A 209 15.74 -1.16 17.16
N TYR A 210 15.54 -2.08 18.09
CA TYR A 210 15.37 -3.48 17.75
C TYR A 210 14.64 -4.27 18.82
N THR A 211 13.71 -5.11 18.38
CA THR A 211 13.10 -6.12 19.23
C THR A 211 12.87 -7.36 18.40
N GLN A 212 12.65 -8.47 19.10
CA GLN A 212 12.28 -9.71 18.44
C GLN A 212 11.40 -10.57 19.31
N LYS A 213 10.44 -11.25 18.66
CA LYS A 213 9.48 -12.08 19.37
C LYS A 213 9.45 -13.44 18.69
N SER A 214 9.37 -14.46 19.54
CA SER A 214 9.52 -15.84 19.09
C SER A 214 8.20 -16.59 19.07
N LEU A 215 8.17 -17.63 18.25
CA LEU A 215 6.97 -18.41 18.01
C LEU A 215 7.29 -19.87 17.81
N SER A 216 6.55 -20.72 18.50
CA SER A 216 6.65 -22.19 18.34
C SER A 216 5.40 -22.88 18.93
N LEU A 217 5.23 -24.20 18.81
CA LEU A 217 3.99 -24.81 19.41
C LEU A 217 4.10 -25.34 20.85
N SER B 13 -5.02 15.94 -18.42
CA SER B 13 -4.74 14.58 -17.84
C SER B 13 -6.00 13.78 -17.59
N VAL B 14 -5.91 12.48 -17.84
CA VAL B 14 -7.06 11.55 -17.72
C VAL B 14 -6.76 10.28 -16.91
N PHE B 15 -7.65 9.96 -15.98
CA PHE B 15 -7.51 8.75 -15.13
C PHE B 15 -8.76 7.89 -15.16
N LEU B 16 -8.61 6.63 -15.53
CA LEU B 16 -9.72 5.66 -15.63
C LEU B 16 -9.71 4.69 -14.43
N PHE B 17 -10.82 4.65 -13.70
CA PHE B 17 -10.95 3.90 -12.44
C PHE B 17 -11.93 2.72 -12.57
N PRO B 18 -11.57 1.54 -12.04
CA PRO B 18 -12.47 0.41 -12.13
C PRO B 18 -13.62 0.47 -11.12
N PRO B 19 -14.57 -0.46 -11.19
CA PRO B 19 -15.60 -0.51 -10.19
C PRO B 19 -15.10 -0.95 -8.86
N LYS B 20 -15.89 -0.71 -7.83
CA LYS B 20 -15.56 -1.24 -6.50
C LYS B 20 -15.81 -2.75 -6.53
N PRO B 21 -14.89 -3.54 -5.92
CA PRO B 21 -15.07 -4.98 -5.92
C PRO B 21 -16.42 -5.46 -5.43
N LYS B 22 -16.94 -4.83 -4.38
CA LYS B 22 -18.21 -5.22 -3.79
C LYS B 22 -19.36 -5.08 -4.78
N ASP B 23 -19.30 -4.01 -5.58
CA ASP B 23 -20.32 -3.69 -6.54
C ASP B 23 -20.48 -4.70 -7.65
N THR B 24 -19.37 -5.30 -8.08
CA THR B 24 -19.41 -6.29 -9.15
C THR B 24 -19.82 -7.66 -8.70
N LEU B 25 -19.73 -7.93 -7.39
CA LEU B 25 -20.04 -9.25 -6.87
C LEU B 25 -21.46 -9.42 -6.37
N MET B 26 -22.19 -8.31 -6.22
CA MET B 26 -23.57 -8.37 -5.75
C MET B 26 -24.52 -7.72 -6.76
N ILE B 27 -25.50 -8.51 -7.14
CA ILE B 27 -26.44 -8.16 -8.20
C ILE B 27 -27.22 -6.88 -7.86
N SER B 28 -27.53 -6.73 -6.58
CA SER B 28 -28.21 -5.55 -6.04
C SER B 28 -27.45 -4.24 -6.20
N ARG B 29 -26.12 -4.31 -6.14
CA ARG B 29 -25.30 -3.09 -6.24
C ARG B 29 -25.13 -2.70 -7.68
N THR B 30 -24.63 -1.49 -7.90
CA THR B 30 -24.44 -0.97 -9.26
C THR B 30 -22.96 -0.65 -9.53
N PRO B 31 -22.28 -1.52 -10.27
CA PRO B 31 -20.88 -1.25 -10.59
C PRO B 31 -20.69 -0.23 -11.67
N GLU B 32 -19.75 0.69 -11.45
CA GLU B 32 -19.48 1.76 -12.38
C GLU B 32 -17.98 1.93 -12.63
N VAL B 33 -17.67 2.32 -13.87
CA VAL B 33 -16.34 2.70 -14.26
C VAL B 33 -16.32 4.22 -14.39
N THR B 34 -15.27 4.84 -13.85
CA THR B 34 -15.19 6.30 -13.78
C THR B 34 -13.97 6.88 -14.48
N CYS B 35 -14.24 7.86 -15.36
CA CYS B 35 -13.21 8.54 -16.16
C CYS B 35 -12.99 9.97 -15.69
N VAL B 36 -12.05 10.16 -14.79
CA VAL B 36 -11.84 11.47 -14.14
C VAL B 36 -10.82 12.28 -14.92
N VAL B 37 -11.16 13.54 -15.16
CA VAL B 37 -10.30 14.46 -15.94
C VAL B 37 -9.83 15.61 -15.07
N VAL B 38 -8.52 15.77 -15.00
CA VAL B 38 -7.86 16.80 -14.17
C VAL B 38 -7.17 17.87 -15.04
N ASP B 39 -6.86 18.99 -14.37
CA ASP B 39 -6.13 20.12 -14.96
C ASP B 39 -6.89 20.81 -16.08
N VAL B 40 -8.19 20.90 -15.95
CA VAL B 40 -9.03 21.56 -16.96
C VAL B 40 -9.09 23.04 -16.63
N SER B 41 -8.75 23.88 -17.62
CA SER B 41 -8.70 25.33 -17.40
C SER B 41 -10.03 26.01 -17.75
N HIS B 42 -10.15 27.24 -17.25
CA HIS B 42 -11.30 28.10 -17.44
C HIS B 42 -11.37 28.54 -18.90
N GLU B 43 -10.20 28.79 -19.51
CA GLU B 43 -10.14 29.30 -20.88
C GLU B 43 -10.74 28.34 -21.91
N ASP B 44 -10.43 27.05 -21.77
CA ASP B 44 -10.95 26.03 -22.71
C ASP B 44 -11.63 24.83 -22.08
N PRO B 45 -12.51 25.04 -21.06
CA PRO B 45 -13.09 23.87 -20.40
C PRO B 45 -14.41 23.43 -21.07
N GLU B 46 -14.34 22.80 -22.22
CA GLU B 46 -15.53 22.23 -22.85
C GLU B 46 -15.22 20.78 -23.20
N VAL B 47 -15.24 19.96 -22.15
CA VAL B 47 -14.84 18.55 -22.27
C VAL B 47 -15.93 17.66 -22.90
N LYS B 48 -15.52 16.65 -23.65
CA LYS B 48 -16.42 15.70 -24.24
C LYS B 48 -15.97 14.31 -23.83
N PHE B 49 -16.88 13.36 -23.95
CA PHE B 49 -16.63 11.93 -23.63
C PHE B 49 -17.20 11.00 -24.67
N ASN B 50 -16.44 9.99 -25.04
CA ASN B 50 -16.96 8.86 -25.86
C ASN B 50 -16.59 7.56 -25.18
N TRP B 51 -17.55 6.64 -25.08
CA TRP B 51 -17.34 5.36 -24.39
C TRP B 51 -17.51 4.16 -25.31
N TYR B 52 -16.63 3.17 -25.14
CA TYR B 52 -16.71 1.93 -25.91
C TYR B 52 -16.51 0.73 -25.02
N VAL B 53 -17.27 -0.32 -25.32
CA VAL B 53 -17.20 -1.59 -24.59
C VAL B 53 -16.81 -2.66 -25.60
N ASP B 54 -15.60 -3.19 -25.44
CA ASP B 54 -15.01 -4.13 -26.41
C ASP B 54 -14.97 -3.48 -27.79
N GLY B 55 -14.59 -2.20 -27.82
CA GLY B 55 -14.52 -1.44 -29.06
C GLY B 55 -15.82 -0.94 -29.64
N VAL B 56 -16.94 -1.28 -29.02
CA VAL B 56 -18.27 -0.88 -29.50
C VAL B 56 -18.76 0.30 -28.68
N GLU B 57 -19.17 1.36 -29.36
CA GLU B 57 -19.68 2.56 -28.70
C GLU B 57 -20.93 2.22 -27.88
N VAL B 58 -21.01 2.84 -26.71
CA VAL B 58 -22.15 2.65 -25.80
C VAL B 58 -22.56 4.04 -25.29
N HIS B 59 -23.87 4.29 -25.31
CA HIS B 59 -24.39 5.63 -25.11
C HIS B 59 -25.04 5.82 -23.75
N ASN B 60 -24.98 4.79 -22.89
CA ASN B 60 -25.70 4.82 -21.60
C ASN B 60 -24.90 5.40 -20.42
N ALA B 61 -23.71 5.93 -20.68
CA ALA B 61 -22.96 6.67 -19.67
C ALA B 61 -23.62 8.01 -19.30
N LYS B 62 -23.58 8.35 -18.01
CA LYS B 62 -24.00 9.70 -17.54
C LYS B 62 -22.80 10.55 -17.14
N THR B 63 -22.65 11.73 -17.75
CA THR B 63 -21.61 12.64 -17.41
C THR B 63 -22.04 13.50 -16.24
N LYS B 64 -21.18 13.61 -15.24
CA LYS B 64 -21.44 14.39 -14.04
C LYS B 64 -21.45 15.89 -14.33
N PRO B 65 -22.36 16.65 -13.68
CA PRO B 65 -22.11 18.10 -13.70
C PRO B 65 -20.83 18.40 -12.92
N ARG B 66 -20.14 19.43 -13.37
CA ARG B 66 -18.76 19.73 -12.91
C ARG B 66 -18.53 20.41 -11.52
N GLU B 67 -17.34 20.20 -10.98
CA GLU B 67 -16.88 20.84 -9.78
C GLU B 67 -15.50 21.41 -10.13
N GLU B 68 -15.03 22.33 -9.32
CA GLU B 68 -13.72 22.97 -9.53
C GLU B 68 -12.84 22.78 -8.32
N GLN B 69 -11.55 22.55 -8.55
CA GLN B 69 -10.59 22.23 -7.50
C GLN B 69 -10.00 23.48 -6.87
N TYR B 70 -9.05 23.28 -5.96
CA TYR B 70 -8.42 24.39 -5.21
C TYR B 70 -7.58 25.33 -6.08
N ASN B 71 -6.96 24.75 -7.09
CA ASN B 71 -6.19 25.54 -8.09
C ASN B 71 -7.15 26.09 -9.11
N SER B 72 -6.65 26.93 -10.02
CA SER B 72 -7.48 27.47 -11.13
C SER B 72 -8.12 26.33 -11.97
N THR B 73 -7.50 25.15 -11.94
CA THR B 73 -8.00 23.99 -12.62
C THR B 73 -9.32 23.40 -12.12
N TYR B 74 -10.08 22.86 -13.07
CA TYR B 74 -11.35 22.18 -12.80
C TYR B 74 -11.15 20.69 -12.69
N ARG B 75 -11.95 20.06 -11.84
CA ARG B 75 -11.96 18.60 -11.76
C ARG B 75 -13.25 18.14 -12.38
N VAL B 76 -13.19 17.26 -13.34
CA VAL B 76 -14.38 16.88 -14.13
C VAL B 76 -14.53 15.36 -14.19
N VAL B 77 -15.74 14.82 -14.39
CA VAL B 77 -15.96 13.37 -14.27
C VAL B 77 -17.10 12.84 -15.12
N SER B 78 -16.95 11.63 -15.65
CA SER B 78 -18.04 10.91 -16.30
C SER B 78 -18.16 9.54 -15.67
N VAL B 79 -19.35 9.00 -15.66
CA VAL B 79 -19.57 7.68 -15.04
C VAL B 79 -20.36 6.77 -15.95
N LEU B 80 -19.77 5.61 -16.26
CA LEU B 80 -20.46 4.59 -17.03
C LEU B 80 -20.85 3.41 -16.15
N THR B 81 -22.15 3.12 -16.15
CA THR B 81 -22.67 1.95 -15.50
C THR B 81 -22.34 0.72 -16.31
N VAL B 82 -22.06 -0.37 -15.60
CA VAL B 82 -21.47 -1.57 -16.17
C VAL B 82 -22.24 -2.80 -15.75
N LEU B 83 -22.41 -3.75 -16.65
CA LEU B 83 -23.03 -5.01 -16.33
C LEU B 83 -22.05 -5.86 -15.52
N HIS B 84 -22.58 -6.48 -14.48
CA HIS B 84 -21.79 -7.29 -13.55
C HIS B 84 -20.99 -8.35 -14.28
N GLN B 85 -21.68 -9.08 -15.15
CA GLN B 85 -21.05 -10.23 -15.83
C GLN B 85 -20.09 -9.82 -16.91
N ASP B 86 -20.38 -8.71 -17.59
CA ASP B 86 -19.45 -8.14 -18.56
C ASP B 86 -18.08 -7.88 -17.91
N TRP B 87 -18.08 -7.26 -16.73
CA TRP B 87 -16.84 -6.95 -16.05
C TRP B 87 -16.13 -8.21 -15.61
N LEU B 88 -16.89 -9.14 -15.04
CA LEU B 88 -16.34 -10.42 -14.62
C LEU B 88 -15.90 -11.30 -15.79
N ASN B 89 -16.47 -11.08 -16.97
CA ASN B 89 -16.05 -11.81 -18.18
C ASN B 89 -14.90 -11.13 -18.93
N GLY B 90 -14.30 -10.09 -18.36
CA GLY B 90 -13.09 -9.48 -18.92
C GLY B 90 -13.26 -8.45 -20.04
N LYS B 91 -14.47 -7.95 -20.25
CA LYS B 91 -14.69 -6.93 -21.29
C LYS B 91 -13.85 -5.66 -21.07
N GLU B 92 -13.42 -5.05 -22.16
CA GLU B 92 -12.58 -3.84 -22.12
C GLU B 92 -13.41 -2.58 -22.21
N TYR B 93 -13.16 -1.65 -21.30
CA TYR B 93 -13.90 -0.40 -21.21
C TYR B 93 -13.00 0.76 -21.54
N LYS B 94 -13.33 1.43 -22.65
CA LYS B 94 -12.54 2.55 -23.15
C LYS B 94 -13.23 3.90 -22.97
N CYS B 95 -12.50 4.85 -22.44
CA CYS B 95 -12.94 6.22 -22.26
C CYS B 95 -12.13 7.13 -23.17
N LYS B 96 -12.80 7.85 -24.07
CA LYS B 96 -12.15 8.80 -24.98
C LYS B 96 -12.43 10.24 -24.61
N VAL B 97 -11.43 11.14 -24.59
CA VAL B 97 -11.70 12.51 -24.20
C VAL B 97 -11.11 13.60 -25.08
N SER B 98 -11.92 14.61 -25.45
CA SER B 98 -11.47 15.72 -26.29
C SER B 98 -11.59 17.05 -25.57
N ASN B 99 -10.60 17.92 -25.74
CA ASN B 99 -10.60 19.26 -25.19
C ASN B 99 -9.82 20.21 -26.11
N LYS B 100 -10.15 21.49 -26.01
CA LYS B 100 -9.56 22.54 -26.84
C LYS B 100 -8.08 22.77 -26.55
N ALA B 101 -7.69 22.54 -25.30
CA ALA B 101 -6.26 22.59 -24.93
C ALA B 101 -5.49 21.38 -25.42
N LEU B 102 -6.20 20.32 -25.87
CA LEU B 102 -5.54 19.06 -26.22
C LEU B 102 -5.17 18.95 -27.70
N PRO B 103 -3.88 18.62 -27.98
CA PRO B 103 -3.48 18.46 -29.39
C PRO B 103 -4.23 17.33 -30.04
N ALA B 104 -4.44 16.26 -29.28
CA ALA B 104 -5.20 15.10 -29.71
C ALA B 104 -6.08 14.64 -28.54
N PRO B 105 -7.18 13.92 -28.85
CA PRO B 105 -7.96 13.38 -27.74
C PRO B 105 -7.21 12.27 -26.98
N ILE B 106 -7.19 12.39 -25.65
CA ILE B 106 -6.57 11.40 -24.81
C ILE B 106 -7.51 10.20 -24.76
N GLU B 107 -6.99 8.99 -24.68
CA GLU B 107 -7.84 7.85 -24.50
C GLU B 107 -7.24 6.81 -23.61
N LYS B 108 -8.09 6.12 -22.86
CA LYS B 108 -7.65 5.13 -21.88
C LYS B 108 -8.54 3.93 -21.89
N THR B 109 -8.00 2.78 -21.53
CA THR B 109 -8.73 1.53 -21.45
C THR B 109 -8.49 0.90 -20.11
N ILE B 110 -9.48 0.13 -19.65
CA ILE B 110 -9.35 -0.61 -18.42
C ILE B 110 -10.16 -1.88 -18.52
N SER B 111 -9.76 -2.88 -17.74
CA SER B 111 -10.52 -4.11 -17.61
C SER B 111 -10.09 -4.90 -16.39
N LYS B 112 -10.79 -5.98 -16.14
CA LYS B 112 -10.42 -6.84 -15.03
C LYS B 112 -9.09 -7.50 -15.35
N ALA B 113 -8.24 -7.63 -14.33
CA ALA B 113 -7.01 -8.39 -14.42
C ALA B 113 -7.27 -9.79 -14.99
N LYS B 114 -6.41 -10.18 -15.95
CA LYS B 114 -6.50 -11.48 -16.59
C LYS B 114 -5.94 -12.59 -15.70
N GLY B 115 -6.53 -13.77 -15.82
CA GLY B 115 -6.06 -14.95 -15.12
C GLY B 115 -7.19 -15.79 -14.59
N GLN B 116 -6.89 -17.05 -14.28
CA GLN B 116 -7.86 -17.96 -13.65
C GLN B 116 -8.10 -17.49 -12.23
N PRO B 117 -9.36 -17.23 -11.88
CA PRO B 117 -9.66 -16.89 -10.50
C PRO B 117 -9.34 -17.99 -9.52
N ARG B 118 -8.82 -17.59 -8.38
CA ARG B 118 -8.44 -18.52 -7.32
C ARG B 118 -9.17 -18.17 -6.04
N GLU B 119 -9.62 -19.24 -5.37
CA GLU B 119 -10.46 -19.13 -4.18
C GLU B 119 -9.66 -18.71 -2.93
N PRO B 120 -10.18 -17.71 -2.19
CA PRO B 120 -9.58 -17.32 -0.94
C PRO B 120 -9.69 -18.39 0.13
N GLN B 121 -8.56 -18.65 0.79
CA GLN B 121 -8.53 -19.38 2.03
C GLN B 121 -8.66 -18.33 3.13
N VAL B 122 -9.68 -18.49 3.98
CA VAL B 122 -9.94 -17.56 5.07
C VAL B 122 -9.70 -18.23 6.42
N TYR B 123 -8.78 -17.66 7.19
CA TYR B 123 -8.44 -18.16 8.53
C TYR B 123 -8.51 -17.03 9.54
N THR B 124 -9.24 -17.28 10.62
CA THR B 124 -9.34 -16.34 11.71
C THR B 124 -8.31 -16.70 12.78
N LEU B 125 -7.61 -15.67 13.28
CA LEU B 125 -6.60 -15.84 14.33
C LEU B 125 -6.95 -15.02 15.58
N PRO B 126 -6.97 -15.68 16.75
CA PRO B 126 -7.24 -14.97 18.01
C PRO B 126 -6.04 -14.10 18.42
N PRO B 127 -6.23 -13.19 19.37
CA PRO B 127 -5.09 -12.39 19.80
C PRO B 127 -4.02 -13.19 20.50
N SER B 128 -2.82 -12.62 20.52
CA SER B 128 -1.70 -13.16 21.30
C SER B 128 -2.00 -13.03 22.77
N ARG B 129 -1.48 -13.98 23.56
CA ARG B 129 -1.57 -13.95 25.02
C ARG B 129 -1.11 -12.60 25.58
N ASP B 130 0.01 -12.12 25.03
CA ASP B 130 0.66 -10.89 25.50
C ASP B 130 -0.21 -9.65 25.36
N GLU B 131 -1.09 -9.65 24.35
CA GLU B 131 -1.97 -8.49 24.12
C GLU B 131 -3.06 -8.36 25.16
N LEU B 132 -3.28 -9.43 25.93
CA LEU B 132 -4.31 -9.44 26.96
C LEU B 132 -4.04 -8.45 28.11
N THR B 133 -2.78 -8.05 28.28
CA THR B 133 -2.37 -6.96 29.17
C THR B 133 -3.16 -5.66 28.93
N LYS B 134 -3.59 -5.44 27.69
CA LYS B 134 -4.15 -4.16 27.27
C LYS B 134 -5.66 -4.10 27.45
N ASN B 135 -6.21 -2.91 27.29
CA ASN B 135 -7.65 -2.64 27.42
C ASN B 135 -8.42 -3.16 26.23
N GLN B 136 -7.79 -3.13 25.05
CA GLN B 136 -8.37 -3.64 23.83
C GLN B 136 -7.52 -4.72 23.20
N VAL B 137 -8.17 -5.53 22.36
CA VAL B 137 -7.53 -6.68 21.71
C VAL B 137 -7.77 -6.74 20.22
N SER B 138 -6.88 -7.47 19.54
CA SER B 138 -6.84 -7.53 18.09
C SER B 138 -7.29 -8.90 17.58
N LEU B 139 -8.40 -8.88 16.82
CA LEU B 139 -8.89 -10.07 16.13
C LEU B 139 -8.42 -10.01 14.70
N THR B 140 -7.70 -11.05 14.28
CA THR B 140 -7.07 -11.11 12.98
C THR B 140 -7.75 -12.09 12.00
N CYS B 141 -7.97 -11.60 10.79
CA CYS B 141 -8.50 -12.40 9.70
C CYS B 141 -7.49 -12.47 8.56
N LEU B 142 -6.86 -13.63 8.42
CA LEU B 142 -5.96 -13.89 7.32
C LEU B 142 -6.74 -14.44 6.10
N VAL B 143 -6.60 -13.73 4.98
CA VAL B 143 -7.20 -14.12 3.71
C VAL B 143 -6.10 -14.31 2.68
N LYS B 144 -5.97 -15.52 2.18
CA LYS B 144 -4.78 -15.92 1.42
C LYS B 144 -5.14 -16.71 0.14
N GLY B 145 -4.19 -16.72 -0.79
CA GLY B 145 -4.32 -17.54 -1.98
C GLY B 145 -5.36 -17.13 -3.01
N PHE B 146 -5.79 -15.87 -2.97
CA PHE B 146 -6.84 -15.43 -3.88
C PHE B 146 -6.31 -14.73 -5.13
N TYR B 147 -7.10 -14.86 -6.21
CA TYR B 147 -6.85 -14.18 -7.50
C TYR B 147 -8.17 -13.89 -8.24
N PRO B 148 -8.32 -12.73 -8.85
CA PRO B 148 -7.45 -11.57 -8.78
C PRO B 148 -7.59 -10.83 -7.44
N SER B 149 -6.97 -9.65 -7.32
CA SER B 149 -6.80 -8.99 -6.02
C SER B 149 -8.04 -8.24 -5.58
N ASP B 150 -9.00 -8.09 -6.49
CA ASP B 150 -10.24 -7.43 -6.16
C ASP B 150 -10.97 -8.25 -5.11
N ILE B 151 -11.24 -7.61 -3.97
CA ILE B 151 -11.79 -8.28 -2.82
C ILE B 151 -12.35 -7.30 -1.82
N ALA B 152 -13.30 -7.78 -1.03
CA ALA B 152 -13.91 -6.98 0.03
C ALA B 152 -13.95 -7.80 1.32
N VAL B 153 -13.62 -7.14 2.42
CA VAL B 153 -13.60 -7.78 3.74
C VAL B 153 -14.37 -6.95 4.76
N GLU B 154 -15.15 -7.67 5.56
CA GLU B 154 -15.99 -7.07 6.61
C GLU B 154 -16.05 -7.92 7.88
N TRP B 155 -16.35 -7.24 8.97
CA TRP B 155 -16.47 -7.89 10.28
C TRP B 155 -17.86 -7.65 10.85
N GLU B 156 -18.38 -8.63 11.55
CA GLU B 156 -19.65 -8.46 12.23
C GLU B 156 -19.77 -9.32 13.48
N SER B 157 -20.69 -8.91 14.35
CA SER B 157 -21.03 -9.71 15.55
C SER B 157 -22.52 -9.75 15.83
N ASN B 158 -23.02 -10.94 16.19
CA ASN B 158 -24.45 -11.16 16.42
C ASN B 158 -25.30 -10.62 15.27
N GLY B 159 -24.86 -10.95 14.06
CA GLY B 159 -25.50 -10.45 12.86
C GLY B 159 -25.41 -8.96 12.58
N GLN B 160 -24.78 -8.20 13.47
CA GLN B 160 -24.65 -6.75 13.30
C GLN B 160 -23.20 -6.31 13.05
N PRO B 161 -23.01 -5.22 12.27
CA PRO B 161 -21.66 -4.89 11.81
C PRO B 161 -20.75 -4.25 12.85
N GLU B 162 -19.52 -4.76 12.92
CA GLU B 162 -18.44 -4.16 13.73
C GLU B 162 -17.70 -3.12 12.90
N ASN B 163 -17.66 -1.88 13.37
CA ASN B 163 -17.06 -0.75 12.67
C ASN B 163 -15.53 -0.46 12.91
N ASN B 164 -14.97 -0.95 14.01
CA ASN B 164 -13.59 -0.64 14.40
C ASN B 164 -12.55 -1.64 13.83
N TYR B 165 -12.39 -1.60 12.52
CA TYR B 165 -11.45 -2.51 11.84
C TYR B 165 -10.76 -1.86 10.68
N LYS B 166 -9.58 -2.40 10.36
CA LYS B 166 -8.83 -1.96 9.20
C LYS B 166 -8.32 -3.18 8.49
N THR B 167 -8.22 -3.05 7.16
CA THR B 167 -7.74 -4.13 6.32
C THR B 167 -6.56 -3.67 5.50
N THR B 168 -5.53 -4.51 5.46
CA THR B 168 -4.36 -4.20 4.64
C THR B 168 -4.72 -4.30 3.17
N PRO B 169 -4.02 -3.57 2.31
CA PRO B 169 -4.19 -3.83 0.86
C PRO B 169 -3.81 -5.26 0.52
N PRO B 170 -4.19 -5.72 -0.68
CA PRO B 170 -3.71 -7.02 -1.11
C PRO B 170 -2.23 -6.97 -1.40
N VAL B 171 -1.56 -8.10 -1.17
CA VAL B 171 -0.12 -8.24 -1.37
C VAL B 171 0.17 -9.47 -2.23
N LEU B 172 1.00 -9.28 -3.24
CA LEU B 172 1.41 -10.33 -4.14
C LEU B 172 2.28 -11.34 -3.42
N ASP B 173 1.80 -12.57 -3.35
CA ASP B 173 2.52 -13.65 -2.68
C ASP B 173 3.49 -14.29 -3.68
N SER B 174 4.34 -15.18 -3.19
CA SER B 174 5.38 -15.80 -4.03
C SER B 174 4.86 -16.73 -5.13
N ASP B 175 3.69 -17.35 -4.90
CA ASP B 175 3.03 -18.18 -5.92
C ASP B 175 2.20 -17.40 -6.97
N GLY B 176 2.25 -16.09 -6.98
CA GLY B 176 1.44 -15.33 -7.94
C GLY B 176 0.01 -15.01 -7.47
N SER B 177 -0.40 -15.61 -6.37
CA SER B 177 -1.66 -15.31 -5.74
C SER B 177 -1.49 -14.13 -4.78
N PHE B 178 -2.62 -13.67 -4.23
CA PHE B 178 -2.62 -12.55 -3.31
C PHE B 178 -3.02 -12.97 -1.91
N PHE B 179 -2.54 -12.21 -0.92
CA PHE B 179 -3.05 -12.33 0.43
C PHE B 179 -3.28 -10.97 1.06
N LEU B 180 -3.97 -10.98 2.19
CA LEU B 180 -4.13 -9.78 3.00
C LEU B 180 -4.48 -10.18 4.42
N TYR B 181 -4.44 -9.19 5.31
CA TYR B 181 -4.90 -9.36 6.69
C TYR B 181 -5.91 -8.28 7.00
N SER B 182 -6.93 -8.64 7.77
CA SER B 182 -7.87 -7.66 8.33
C SER B 182 -7.81 -7.74 9.85
N LYS B 183 -7.84 -6.57 10.49
CA LYS B 183 -7.63 -6.46 11.93
C LYS B 183 -8.81 -5.77 12.58
N LEU B 184 -9.51 -6.52 13.44
CA LEU B 184 -10.64 -5.98 14.17
C LEU B 184 -10.22 -5.72 15.61
N THR B 185 -10.47 -4.50 16.08
CA THR B 185 -10.14 -4.15 17.44
C THR B 185 -11.40 -4.07 18.29
N VAL B 186 -11.43 -4.90 19.33
CA VAL B 186 -12.54 -4.91 20.28
C VAL B 186 -12.09 -4.72 21.72
N ASP B 187 -12.99 -4.18 22.54
CA ASP B 187 -12.79 -4.09 23.99
C ASP B 187 -12.53 -5.47 24.55
N LYS B 188 -11.46 -5.58 25.35
CA LYS B 188 -10.99 -6.87 25.87
C LYS B 188 -12.11 -7.64 26.53
N SER B 189 -12.92 -6.91 27.31
CA SER B 189 -14.06 -7.49 28.00
C SER B 189 -14.93 -8.33 27.08
N ARG B 190 -15.27 -7.77 25.92
CA ARG B 190 -16.14 -8.44 24.92
C ARG B 190 -15.57 -9.78 24.49
N TRP B 191 -14.27 -9.79 24.22
CA TRP B 191 -13.57 -11.03 23.86
C TRP B 191 -13.67 -12.04 24.99
N GLN B 192 -13.51 -11.54 26.23
CA GLN B 192 -13.50 -12.39 27.42
C GLN B 192 -14.85 -13.06 27.65
N GLN B 193 -15.90 -12.24 27.56
CA GLN B 193 -17.30 -12.70 27.71
C GLN B 193 -17.70 -13.87 26.80
N GLY B 194 -16.99 -14.02 25.68
CA GLY B 194 -17.16 -15.17 24.78
C GLY B 194 -18.03 -14.86 23.57
N ASN B 195 -18.29 -13.57 23.31
CA ASN B 195 -19.02 -13.15 22.11
C ASN B 195 -18.38 -13.75 20.85
N VAL B 196 -19.21 -13.98 19.86
CA VAL B 196 -18.75 -14.54 18.60
C VAL B 196 -18.56 -13.41 17.61
N PHE B 197 -17.41 -13.46 16.93
CA PHE B 197 -17.06 -12.45 15.93
C PHE B 197 -16.80 -13.13 14.61
N SER B 198 -17.21 -12.47 13.53
CA SER B 198 -17.17 -13.10 12.22
C SER B 198 -16.54 -12.20 11.17
N CYS B 199 -15.64 -12.80 10.42
CA CYS B 199 -14.96 -12.17 9.30
C CYS B 199 -15.64 -12.58 7.98
N SER B 200 -16.30 -11.61 7.35
CA SER B 200 -16.95 -11.80 6.03
C SER B 200 -16.06 -11.42 4.88
N VAL B 201 -16.01 -12.30 3.88
CA VAL B 201 -15.15 -12.11 2.69
C VAL B 201 -15.90 -12.31 1.38
N MET B 202 -15.78 -11.33 0.50
CA MET B 202 -16.43 -11.34 -0.82
C MET B 202 -15.43 -11.38 -1.96
N HIS B 203 -15.59 -12.37 -2.84
CA HIS B 203 -14.66 -12.59 -3.95
C HIS B 203 -15.34 -13.38 -5.08
N GLU B 204 -14.90 -13.15 -6.33
CA GLU B 204 -15.56 -13.78 -7.47
C GLU B 204 -15.46 -15.32 -7.47
N ALA B 205 -14.33 -15.83 -6.99
CA ALA B 205 -14.04 -17.26 -6.97
C ALA B 205 -14.65 -18.02 -5.78
N LEU B 206 -15.45 -17.33 -4.97
CA LEU B 206 -16.22 -17.97 -3.91
C LEU B 206 -17.64 -18.35 -4.36
N HIS B 207 -18.14 -19.45 -3.80
CA HIS B 207 -19.50 -19.88 -4.03
C HIS B 207 -20.46 -18.81 -3.46
N ASN B 208 -21.38 -18.36 -4.30
CA ASN B 208 -22.24 -17.21 -4.03
C ASN B 208 -21.46 -15.93 -3.74
N HIS B 209 -20.21 -15.87 -4.21
CA HIS B 209 -19.35 -14.71 -4.07
C HIS B 209 -19.08 -14.29 -2.61
N TYR B 210 -19.23 -15.24 -1.68
CA TYR B 210 -19.24 -14.91 -0.28
C TYR B 210 -18.92 -16.09 0.62
N THR B 211 -18.08 -15.84 1.61
CA THR B 211 -17.87 -16.78 2.71
C THR B 211 -17.68 -15.99 3.97
N GLN B 212 -17.79 -16.68 5.10
CA GLN B 212 -17.51 -16.08 6.39
C GLN B 212 -16.98 -17.09 7.39
N LYS B 213 -16.06 -16.63 8.24
CA LYS B 213 -15.44 -17.46 9.24
C LYS B 213 -15.54 -16.79 10.59
N SER B 214 -15.84 -17.58 11.61
CA SER B 214 -16.13 -17.07 12.94
C SER B 214 -14.98 -17.29 13.92
N LEU B 215 -14.97 -16.45 14.94
CA LEU B 215 -13.91 -16.43 15.93
C LEU B 215 -14.48 -16.13 17.31
N SER B 216 -14.05 -16.91 18.30
CA SER B 216 -14.39 -16.67 19.70
C SER B 216 -13.46 -17.42 20.64
N LEU B 217 -13.60 -17.02 21.91
CA LEU B 217 -12.79 -17.53 22.99
C LEU B 217 -13.10 -18.99 23.24
N SER B 218 -12.14 -19.86 22.93
CA SER B 218 -12.29 -21.32 23.07
C SER B 218 -11.56 -21.86 24.31
N PRO B 219 -12.32 -22.26 25.37
CA PRO B 219 -11.66 -22.94 26.52
C PRO B 219 -11.03 -24.30 26.14
#